data_2QHU
#
_entry.id   2QHU
#
_cell.length_a   63.762
_cell.length_b   63.762
_cell.length_c   114.049
_cell.angle_alpha   90.000
_cell.angle_beta   90.000
_cell.angle_gamma   90.000
#
_symmetry.space_group_name_H-M   'P 41 21 2'
#
loop_
_entity.id
_entity.type
_entity.pdbx_description
1 polymer Lipoyltransferase
2 non-polymer OCTANAL
3 water water
#
_entity_poly.entity_id   1
_entity_poly.type   'polypeptide(L)'
_entity_poly.pdbx_seq_one_letter_code
;MEFLVEDLGLVPYGEAWAYQKRVHREVVAGNRPPTLLLLEHPRVITLGRKATGENLLFPESWYRENGFELYWVERGGDVT
YHGPGQLVGYPIFPVGREVRRFLRQIEEAIVRVAAGYGISAYPTPGYAGVWVGEDKLCAIGVAVKEGVSFHGFALNVNTD
LNDFTVIVPCGLKGKGVTSLEKLLGRKVPMEEAKARVVAAFAEVFGLRPV
;
_entity_poly.pdbx_strand_id   A
#
# COMPACT_ATOMS: atom_id res chain seq x y z
N MET A 1 0.80 3.67 23.08
CA MET A 1 1.85 4.72 23.21
C MET A 1 2.84 4.72 22.06
N GLU A 2 3.12 3.52 21.55
CA GLU A 2 4.19 3.30 20.58
C GLU A 2 3.78 2.43 19.40
N PHE A 3 4.53 2.56 18.30
CA PHE A 3 4.48 1.59 17.23
C PHE A 3 5.89 1.30 16.76
N LEU A 4 6.13 0.05 16.39
CA LEU A 4 7.41 -0.38 15.87
C LEU A 4 7.42 -0.24 14.35
N VAL A 5 8.47 0.34 13.81
CA VAL A 5 8.67 0.38 12.38
C VAL A 5 9.74 -0.66 11.99
N GLU A 6 9.42 -1.50 11.02
CA GLU A 6 10.45 -2.37 10.44
C GLU A 6 10.63 -2.06 8.96
N ASP A 7 11.85 -1.69 8.60
CA ASP A 7 12.20 -1.51 7.18
C ASP A 7 12.77 -2.81 6.60
N LEU A 8 11.96 -3.51 5.80
CA LEU A 8 12.38 -4.80 5.22
C LEU A 8 13.14 -4.66 3.91
N GLY A 9 13.22 -3.44 3.38
CA GLY A 9 13.78 -3.24 2.05
C GLY A 9 13.04 -4.00 0.98
N LEU A 10 13.76 -4.44 -0.04
CA LEU A 10 13.18 -5.18 -1.16
C LEU A 10 13.02 -6.64 -0.77
N VAL A 11 11.77 -7.13 -0.78
CA VAL A 11 11.48 -8.52 -0.37
C VAL A 11 10.42 -9.15 -1.29
N PRO A 12 10.64 -10.43 -1.71
CA PRO A 12 9.66 -11.12 -2.55
C PRO A 12 8.29 -11.15 -1.89
N TYR A 13 7.24 -10.99 -2.68
CA TYR A 13 5.88 -10.95 -2.15
C TYR A 13 5.53 -12.16 -1.25
N GLY A 14 5.80 -13.36 -1.74
CA GLY A 14 5.43 -14.56 -0.99
C GLY A 14 6.02 -14.65 0.41
N GLU A 15 7.33 -14.46 0.53
CA GLU A 15 7.95 -14.45 1.85
C GLU A 15 7.50 -13.28 2.72
N ALA A 16 7.34 -12.11 2.11
CA ALA A 16 6.85 -10.95 2.85
C ALA A 16 5.45 -11.21 3.38
N TRP A 17 4.63 -11.90 2.59
CA TRP A 17 3.28 -12.27 2.99
C TRP A 17 3.32 -13.18 4.22
N ALA A 18 4.18 -14.19 4.18
CA ALA A 18 4.36 -15.13 5.30
C ALA A 18 4.81 -14.38 6.55
N TYR A 19 5.70 -13.40 6.35
CA TYR A 19 6.13 -12.51 7.45
C TYR A 19 4.98 -11.68 8.05
N GLN A 20 4.15 -11.09 7.17
CA GLN A 20 2.95 -10.38 7.60
C GLN A 20 2.15 -11.24 8.54
N LYS A 21 1.93 -12.49 8.13
CA LYS A 21 1.08 -13.40 8.92
C LYS A 21 1.69 -13.69 10.29
N ARG A 22 3.02 -13.87 10.33
CA ARG A 22 3.73 -14.10 11.60
C ARG A 22 3.72 -12.87 12.52
N VAL A 23 3.91 -11.69 11.92
CA VAL A 23 3.81 -10.43 12.67
C VAL A 23 2.39 -10.26 13.23
N HIS A 24 1.40 -10.51 12.37
CA HIS A 24 -0.02 -10.41 12.73
C HIS A 24 -0.34 -11.31 13.94
N ARG A 25 0.13 -12.55 13.90
CA ARG A 25 -0.06 -13.51 15.01
C ARG A 25 0.44 -12.94 16.33
N GLU A 26 1.64 -12.37 16.30
CA GLU A 26 2.25 -11.82 17.51
C GLU A 26 1.49 -10.62 18.07
N VAL A 27 0.97 -9.76 17.19
CA VAL A 27 0.17 -8.60 17.60
C VAL A 27 -1.16 -9.05 18.21
N VAL A 28 -1.81 -10.03 17.57
CA VAL A 28 -3.06 -10.63 18.06
C VAL A 28 -2.85 -11.17 19.48
N ALA A 29 -1.68 -11.78 19.70
CA ALA A 29 -1.34 -12.40 20.97
C ALA A 29 -0.95 -11.37 22.03
N GLY A 30 -0.80 -10.11 21.62
CA GLY A 30 -0.37 -9.04 22.54
C GLY A 30 1.11 -9.12 22.89
N ASN A 31 1.88 -9.72 22.00
CA ASN A 31 3.30 -9.98 22.26
C ASN A 31 4.24 -9.16 21.38
N ARG A 32 3.66 -8.18 20.71
CA ARG A 32 4.39 -7.29 19.81
C ARG A 32 3.58 -6.01 19.74
N PRO A 33 4.25 -4.85 19.73
CA PRO A 33 3.49 -3.60 19.61
C PRO A 33 2.90 -3.49 18.19
N PRO A 34 1.93 -2.56 18.00
CA PRO A 34 1.46 -2.29 16.64
C PRO A 34 2.69 -2.06 15.75
N THR A 35 2.68 -2.65 14.56
CA THR A 35 3.88 -2.71 13.72
C THR A 35 3.61 -2.16 12.33
N LEU A 36 4.46 -1.25 11.87
CA LEU A 36 4.38 -0.78 10.49
C LEU A 36 5.55 -1.37 9.70
N LEU A 37 5.25 -2.25 8.77
CA LEU A 37 6.26 -2.81 7.88
C LEU A 37 6.38 -1.89 6.69
N LEU A 38 7.60 -1.49 6.35
CA LEU A 38 7.86 -0.68 5.16
C LEU A 38 8.80 -1.47 4.28
N LEU A 39 8.51 -1.51 2.98
CA LEU A 39 9.21 -2.40 2.04
C LEU A 39 8.93 -2.06 0.57
N GLU A 40 9.63 -2.78 -0.30
CA GLU A 40 9.33 -2.83 -1.73
C GLU A 40 9.18 -4.28 -2.15
N HIS A 41 8.45 -4.51 -3.25
CA HIS A 41 8.35 -5.84 -3.84
C HIS A 41 8.90 -5.82 -5.25
N PRO A 42 9.50 -6.94 -5.68
CA PRO A 42 9.72 -7.18 -7.11
C PRO A 42 8.35 -7.23 -7.80
N ARG A 43 8.32 -6.88 -9.08
CA ARG A 43 7.07 -6.79 -9.85
C ARG A 43 6.09 -7.93 -9.55
N VAL A 44 4.90 -7.56 -9.08
CA VAL A 44 3.90 -8.51 -8.65
C VAL A 44 2.51 -7.93 -8.87
N ILE A 45 1.58 -8.77 -9.27
CA ILE A 45 0.18 -8.37 -9.37
C ILE A 45 -0.58 -9.20 -8.36
N THR A 46 -1.39 -8.56 -7.53
CA THR A 46 -2.21 -9.29 -6.57
C THR A 46 -3.68 -9.09 -6.91
N LEU A 47 -4.47 -10.13 -6.70
CA LEU A 47 -5.89 -10.11 -7.02
C LEU A 47 -6.72 -10.37 -5.75
N GLY A 48 -7.43 -9.34 -5.31
CA GLY A 48 -8.09 -9.35 -4.02
C GLY A 48 -9.46 -9.97 -4.06
N ARG A 49 -10.25 -9.67 -3.04
CA ARG A 49 -11.60 -10.25 -2.89
C ARG A 49 -12.49 -10.00 -4.11
N LYS A 50 -12.47 -8.78 -4.64
CA LYS A 50 -13.36 -8.39 -5.75
C LYS A 50 -12.83 -8.76 -7.15
N ALA A 51 -11.64 -9.34 -7.22
CA ALA A 51 -10.95 -9.56 -8.50
C ALA A 51 -11.42 -10.77 -9.32
N THR A 52 -11.38 -10.61 -10.64
CA THR A 52 -11.69 -11.65 -11.63
C THR A 52 -10.64 -11.67 -12.74
N GLY A 53 -10.79 -12.59 -13.70
CA GLY A 53 -9.84 -12.72 -14.81
C GLY A 53 -9.81 -11.55 -15.79
N GLU A 54 -10.89 -10.78 -15.83
CA GLU A 54 -10.97 -9.60 -16.69
C GLU A 54 -10.23 -8.37 -16.11
N ASN A 55 -9.74 -8.50 -14.88
CA ASN A 55 -8.86 -7.50 -14.29
C ASN A 55 -7.45 -7.64 -14.87
N LEU A 56 -7.22 -8.71 -15.60
CA LEU A 56 -5.96 -8.93 -16.31
C LEU A 56 -6.18 -8.72 -17.81
N LEU A 57 -5.42 -7.80 -18.41
CA LEU A 57 -5.57 -7.53 -19.85
C LEU A 57 -5.12 -8.73 -20.69
N PHE A 58 -4.00 -9.32 -20.30
CA PHE A 58 -3.45 -10.49 -21.01
C PHE A 58 -3.81 -11.79 -20.26
N PRO A 59 -3.58 -12.97 -20.88
CA PRO A 59 -3.74 -14.20 -20.10
C PRO A 59 -2.73 -14.24 -18.95
N GLU A 60 -3.04 -14.92 -17.85
CA GLU A 60 -2.13 -14.85 -16.70
C GLU A 60 -0.77 -15.48 -16.95
N SER A 61 -0.69 -16.39 -17.91
CA SER A 61 0.59 -16.97 -18.32
C SER A 61 1.54 -15.89 -18.86
N TRP A 62 0.97 -14.87 -19.51
CA TRP A 62 1.75 -13.77 -20.04
C TRP A 62 2.52 -13.04 -18.94
N TYR A 63 1.86 -12.84 -17.79
CA TYR A 63 2.44 -12.06 -16.70
C TYR A 63 3.72 -12.68 -16.18
N ARG A 64 3.67 -13.99 -15.93
CA ARG A 64 4.82 -14.73 -15.40
C ARG A 64 5.96 -14.84 -16.40
N GLU A 65 5.60 -14.88 -17.67
CA GLU A 65 6.55 -14.91 -18.80
C GLU A 65 7.26 -13.58 -18.95
N ASN A 66 6.62 -12.51 -18.46
CA ASN A 66 7.12 -11.16 -18.62
C ASN A 66 7.55 -10.47 -17.33
N GLY A 67 7.96 -11.27 -16.34
CA GLY A 67 8.64 -10.74 -15.17
C GLY A 67 7.79 -10.38 -13.97
N PHE A 68 6.49 -10.66 -14.03
CA PHE A 68 5.58 -10.47 -12.91
C PHE A 68 5.40 -11.77 -12.11
N GLU A 69 5.30 -11.67 -10.80
CA GLU A 69 4.68 -12.73 -10.00
C GLU A 69 3.21 -12.36 -9.87
N LEU A 70 2.37 -13.34 -9.58
CA LEU A 70 0.93 -13.12 -9.49
C LEU A 70 0.33 -13.93 -8.35
N TYR A 71 -0.48 -13.29 -7.50
CA TYR A 71 -1.05 -13.96 -6.33
C TYR A 71 -2.50 -13.57 -6.08
N TRP A 72 -3.26 -14.51 -5.54
CA TRP A 72 -4.64 -14.26 -5.08
C TRP A 72 -4.63 -14.06 -3.57
N VAL A 73 -5.20 -12.94 -3.12
CA VAL A 73 -5.11 -12.53 -1.73
C VAL A 73 -6.49 -12.14 -1.17
N GLU A 74 -6.61 -12.00 0.14
CA GLU A 74 -7.91 -11.69 0.77
C GLU A 74 -8.08 -10.22 1.20
N ARG A 75 -7.32 -9.29 0.62
CA ARG A 75 -7.49 -7.86 0.94
C ARG A 75 -8.64 -7.25 0.17
N GLY A 76 -9.15 -6.11 0.67
CA GLY A 76 -10.17 -5.31 -0.05
C GLY A 76 -9.64 -4.79 -1.38
N GLY A 77 -10.56 -4.55 -2.33
CA GLY A 77 -10.20 -4.14 -3.69
C GLY A 77 -10.16 -5.28 -4.70
N ASP A 78 -9.86 -4.97 -5.97
CA ASP A 78 -9.68 -6.02 -6.98
C ASP A 78 -8.19 -6.24 -7.27
N VAL A 79 -7.70 -5.74 -8.40
CA VAL A 79 -6.31 -5.96 -8.81
C VAL A 79 -5.40 -4.79 -8.41
N THR A 80 -4.17 -5.10 -8.02
CA THR A 80 -3.16 -4.04 -7.98
C THR A 80 -1.77 -4.54 -8.36
N TYR A 81 -0.88 -3.58 -8.59
CA TYR A 81 0.49 -3.84 -9.00
C TYR A 81 1.42 -3.30 -7.92
N HIS A 82 2.44 -4.07 -7.57
CA HIS A 82 3.55 -3.57 -6.77
C HIS A 82 4.83 -3.83 -7.55
N GLY A 83 5.77 -2.90 -7.44
CA GLY A 83 7.05 -3.07 -8.10
C GLY A 83 8.08 -2.12 -7.53
N PRO A 84 9.34 -2.26 -7.97
CA PRO A 84 10.40 -1.40 -7.45
C PRO A 84 10.07 0.10 -7.56
N GLY A 85 10.38 0.85 -6.52
CA GLY A 85 10.12 2.29 -6.47
C GLY A 85 8.79 2.62 -5.82
N GLN A 86 7.98 1.59 -5.56
CA GLN A 86 6.72 1.78 -4.84
C GLN A 86 6.92 1.43 -3.37
N LEU A 87 6.63 2.39 -2.49
CA LEU A 87 6.73 2.12 -1.06
C LEU A 87 5.48 1.39 -0.56
N VAL A 88 5.65 0.13 -0.21
CA VAL A 88 4.55 -0.67 0.30
C VAL A 88 4.62 -0.63 1.82
N GLY A 89 3.51 -0.31 2.46
CA GLY A 89 3.44 -0.22 3.91
C GLY A 89 2.39 -1.19 4.40
N TYR A 90 2.76 -2.05 5.34
CA TYR A 90 1.80 -2.96 5.95
C TYR A 90 1.64 -2.60 7.43
N PRO A 91 0.64 -1.76 7.77
CA PRO A 91 0.41 -1.52 9.18
C PRO A 91 -0.42 -2.64 9.78
N ILE A 92 0.22 -3.39 10.67
CA ILE A 92 -0.37 -4.53 11.34
C ILE A 92 -0.66 -4.06 12.76
N PHE A 93 -1.89 -3.56 12.94
CA PHE A 93 -2.30 -2.74 14.09
C PHE A 93 -3.58 -3.32 14.72
N PRO A 94 -3.68 -3.28 16.07
CA PRO A 94 -4.90 -3.77 16.74
C PRO A 94 -6.04 -2.77 16.60
N VAL A 95 -6.70 -2.77 15.44
CA VAL A 95 -7.74 -1.80 15.11
C VAL A 95 -9.12 -2.10 15.73
N GLY A 96 -9.34 -3.36 16.11
CA GLY A 96 -10.64 -3.80 16.61
C GLY A 96 -11.69 -3.82 15.51
N ARG A 97 -12.85 -3.26 15.82
CA ARG A 97 -13.99 -3.28 14.91
C ARG A 97 -14.07 -2.08 13.96
N GLU A 98 -13.28 -1.04 14.23
CA GLU A 98 -13.40 0.22 13.48
C GLU A 98 -12.47 0.28 12.27
N VAL A 99 -12.79 -0.53 11.27
CA VAL A 99 -11.97 -0.65 10.07
C VAL A 99 -12.03 0.61 9.18
N ARG A 100 -13.24 1.15 8.97
CA ARG A 100 -13.40 2.36 8.14
C ARG A 100 -12.58 3.53 8.71
N ARG A 101 -12.58 3.65 10.05
CA ARG A 101 -11.81 4.68 10.71
C ARG A 101 -10.32 4.50 10.46
N PHE A 102 -9.85 3.25 10.54
CA PHE A 102 -8.46 2.91 10.27
C PHE A 102 -8.06 3.26 8.83
N LEU A 103 -8.93 2.94 7.88
CA LEU A 103 -8.69 3.29 6.48
C LEU A 103 -8.55 4.80 6.30
N ARG A 104 -9.41 5.56 6.98
CA ARG A 104 -9.35 7.02 6.91
C ARG A 104 -8.03 7.56 7.48
N GLN A 105 -7.52 6.91 8.54
CA GLN A 105 -6.25 7.30 9.14
C GLN A 105 -5.07 7.03 8.23
N ILE A 106 -5.08 5.89 7.52
CA ILE A 106 -4.02 5.63 6.53
C ILE A 106 -4.06 6.69 5.43
N GLU A 107 -5.25 6.92 4.88
CA GLU A 107 -5.49 8.00 3.91
C GLU A 107 -4.92 9.33 4.40
N GLU A 108 -5.25 9.70 5.64
CA GLU A 108 -4.78 10.96 6.19
C GLU A 108 -3.24 11.03 6.21
N ALA A 109 -2.60 9.94 6.60
CA ALA A 109 -1.15 9.89 6.71
C ALA A 109 -0.52 10.14 5.33
N ILE A 110 -1.08 9.50 4.30
CA ILE A 110 -0.60 9.66 2.93
C ILE A 110 -0.83 11.10 2.41
N VAL A 111 -1.98 11.70 2.76
CA VAL A 111 -2.28 13.09 2.42
C VAL A 111 -1.22 14.01 3.03
N ARG A 112 -0.86 13.76 4.29
CA ARG A 112 0.20 14.51 4.97
C ARG A 112 1.57 14.37 4.28
N VAL A 113 1.94 13.15 3.90
CA VAL A 113 3.17 12.90 3.16
C VAL A 113 3.21 13.75 1.88
N ALA A 114 2.14 13.67 1.08
CA ALA A 114 2.04 14.46 -0.15
C ALA A 114 2.19 15.97 0.11
N ALA A 115 1.53 16.45 1.18
CA ALA A 115 1.58 17.86 1.56
C ALA A 115 3.03 18.30 1.88
N GLY A 116 3.81 17.38 2.44
CA GLY A 116 5.22 17.63 2.74
C GLY A 116 6.07 17.90 1.51
N TYR A 117 5.60 17.39 0.37
CA TYR A 117 6.26 17.54 -0.92
C TYR A 117 5.69 18.70 -1.73
N GLY A 118 4.72 19.40 -1.15
CA GLY A 118 4.05 20.50 -1.85
C GLY A 118 2.92 20.03 -2.76
N ILE A 119 2.46 18.81 -2.52
CA ILE A 119 1.43 18.20 -3.35
C ILE A 119 0.09 18.12 -2.62
N SER A 120 -0.96 18.60 -3.27
CA SER A 120 -2.31 18.52 -2.71
C SER A 120 -2.94 17.18 -3.13
N ALA A 121 -3.11 16.27 -2.16
CA ALA A 121 -3.70 14.97 -2.42
C ALA A 121 -5.00 14.84 -1.64
N TYR A 122 -5.89 13.95 -2.10
CA TYR A 122 -7.12 13.70 -1.35
C TYR A 122 -7.62 12.28 -1.50
N PRO A 123 -8.36 11.78 -0.49
CA PRO A 123 -8.92 10.44 -0.59
C PRO A 123 -9.96 10.36 -1.71
N THR A 124 -10.63 11.49 -1.99
CA THR A 124 -11.81 11.59 -2.85
C THR A 124 -13.02 10.99 -2.14
N PRO A 125 -14.20 11.62 -2.31
CA PRO A 125 -15.44 11.06 -1.78
C PRO A 125 -15.82 9.69 -2.35
N GLY A 126 -15.32 9.38 -3.54
CA GLY A 126 -15.85 8.23 -4.28
C GLY A 126 -14.95 7.10 -4.71
N TYR A 127 -13.63 7.28 -4.60
CA TYR A 127 -12.66 6.28 -5.04
C TYR A 127 -11.74 5.87 -3.91
N ALA A 128 -11.54 4.56 -3.78
CA ALA A 128 -10.59 4.00 -2.83
C ALA A 128 -9.18 4.51 -3.16
N GLY A 129 -8.36 4.67 -2.12
CA GLY A 129 -6.97 5.10 -2.31
C GLY A 129 -6.81 6.61 -2.24
N VAL A 130 -5.59 7.08 -2.47
CA VAL A 130 -5.33 8.52 -2.41
C VAL A 130 -4.93 9.07 -3.78
N TRP A 131 -5.54 10.19 -4.15
CA TRP A 131 -5.45 10.74 -5.50
C TRP A 131 -4.87 12.17 -5.52
N VAL A 132 -4.27 12.52 -6.65
CA VAL A 132 -3.83 13.87 -6.94
C VAL A 132 -4.47 14.16 -8.28
N GLY A 133 -5.48 15.03 -8.25
CA GLY A 133 -6.31 15.26 -9.43
C GLY A 133 -6.95 13.96 -9.86
N GLU A 134 -6.80 13.63 -11.15
CA GLU A 134 -7.45 12.44 -11.71
C GLU A 134 -6.60 11.17 -11.63
N ASP A 135 -5.47 11.24 -10.94
CA ASP A 135 -4.50 10.13 -10.93
C ASP A 135 -4.29 9.57 -9.54
N LYS A 136 -4.15 8.24 -9.44
CA LYS A 136 -4.01 7.61 -8.12
C LYS A 136 -2.56 7.59 -7.70
N LEU A 137 -2.26 8.25 -6.59
CA LEU A 137 -0.92 8.29 -6.04
C LEU A 137 -0.62 7.10 -5.12
N CYS A 138 -1.65 6.62 -4.41
CA CYS A 138 -1.48 5.55 -3.43
C CYS A 138 -2.68 4.62 -3.40
N ALA A 139 -2.46 3.33 -3.67
CA ALA A 139 -3.51 2.32 -3.50
C ALA A 139 -3.60 1.94 -2.04
N ILE A 140 -4.81 1.62 -1.57
CA ILE A 140 -5.03 1.15 -0.19
C ILE A 140 -6.00 -0.03 -0.21
N GLY A 141 -5.61 -1.12 0.44
CA GLY A 141 -6.44 -2.33 0.45
C GLY A 141 -6.02 -3.15 1.66
N VAL A 142 -6.91 -3.23 2.63
CA VAL A 142 -6.59 -3.87 3.90
C VAL A 142 -7.41 -5.13 4.13
N ALA A 143 -6.91 -5.96 5.05
CA ALA A 143 -7.63 -7.10 5.58
C ALA A 143 -7.60 -6.98 7.09
N VAL A 144 -8.64 -7.46 7.77
CA VAL A 144 -8.64 -7.47 9.24
C VAL A 144 -9.08 -8.86 9.69
N LYS A 145 -8.28 -9.45 10.57
CA LYS A 145 -8.57 -10.76 11.12
C LYS A 145 -8.26 -10.71 12.62
N GLU A 146 -9.19 -11.22 13.43
CA GLU A 146 -9.05 -11.21 14.90
C GLU A 146 -8.74 -9.80 15.42
N GLY A 147 -9.36 -8.79 14.81
CA GLY A 147 -9.21 -7.40 15.23
C GLY A 147 -7.85 -6.77 14.95
N VAL A 148 -7.04 -7.40 14.11
CA VAL A 148 -5.73 -6.84 13.75
C VAL A 148 -5.64 -6.77 12.23
N SER A 149 -5.17 -5.63 11.73
CA SER A 149 -5.07 -5.40 10.29
C SER A 149 -3.85 -6.08 9.68
N PHE A 150 -3.92 -6.35 8.38
CA PHE A 150 -2.72 -6.66 7.59
C PHE A 150 -2.98 -6.19 6.16
N HIS A 151 -2.06 -6.51 5.25
CA HIS A 151 -1.93 -5.75 4.00
C HIS A 151 -1.85 -4.26 4.34
N GLY A 152 -2.25 -3.37 3.44
CA GLY A 152 -2.04 -1.94 3.75
C GLY A 152 -2.11 -1.00 2.57
N PHE A 153 -1.00 -0.33 2.28
CA PHE A 153 -0.98 0.70 1.24
C PHE A 153 0.21 0.59 0.28
N ALA A 154 0.11 1.27 -0.85
CA ALA A 154 1.18 1.22 -1.82
C ALA A 154 1.35 2.60 -2.42
N LEU A 155 2.30 3.35 -1.88
CA LEU A 155 2.59 4.71 -2.31
C LEU A 155 3.60 4.72 -3.46
N ASN A 156 3.19 5.28 -4.59
CA ASN A 156 4.08 5.42 -5.74
C ASN A 156 5.10 6.53 -5.53
N VAL A 157 6.36 6.14 -5.36
CA VAL A 157 7.44 7.10 -5.18
C VAL A 157 8.16 7.24 -6.52
N ASN A 158 8.91 6.19 -6.91
CA ASN A 158 9.62 6.12 -8.20
C ASN A 158 9.18 4.93 -9.04
N THR A 159 7.94 4.51 -8.85
CA THR A 159 7.34 3.37 -9.55
C THR A 159 7.43 3.53 -11.05
N ASP A 160 7.61 2.41 -11.73
CA ASP A 160 7.45 2.35 -13.17
C ASP A 160 5.95 2.30 -13.46
N LEU A 161 5.36 3.47 -13.70
CA LEU A 161 3.91 3.61 -13.83
C LEU A 161 3.36 2.89 -15.08
N ASN A 162 4.23 2.65 -16.06
CA ASN A 162 3.87 1.93 -17.28
C ASN A 162 3.38 0.52 -17.02
N ASP A 163 3.85 -0.07 -15.92
CA ASP A 163 3.44 -1.41 -15.51
C ASP A 163 1.97 -1.51 -15.09
N PHE A 164 1.33 -0.38 -14.78
CA PHE A 164 -0.10 -0.39 -14.43
C PHE A 164 -1.01 -0.61 -15.63
N THR A 165 -0.49 -0.35 -16.83
CA THR A 165 -1.33 -0.38 -18.03
C THR A 165 -1.83 -1.78 -18.33
N VAL A 166 -1.12 -2.81 -17.85
CA VAL A 166 -1.53 -4.21 -18.12
C VAL A 166 -2.60 -4.75 -17.18
N ILE A 167 -3.03 -3.96 -16.19
CA ILE A 167 -4.11 -4.38 -15.31
C ILE A 167 -5.30 -3.44 -15.48
N VAL A 168 -6.47 -4.01 -15.25
CA VAL A 168 -7.74 -3.37 -15.58
C VAL A 168 -8.66 -3.44 -14.34
N PRO A 169 -8.51 -2.48 -13.40
CA PRO A 169 -9.45 -2.47 -12.28
C PRO A 169 -10.90 -2.19 -12.73
N CYS A 170 -11.86 -2.64 -11.93
CA CYS A 170 -13.29 -2.45 -12.18
C CYS A 170 -13.83 -1.45 -11.19
N GLY A 171 -14.94 -0.80 -11.53
CA GLY A 171 -15.65 0.08 -10.60
C GLY A 171 -15.32 1.54 -10.81
N LEU A 172 -15.73 2.38 -9.85
CA LEU A 172 -15.56 3.83 -9.94
C LEU A 172 -14.10 4.25 -9.70
N LYS A 173 -13.55 5.04 -10.62
CA LYS A 173 -12.15 5.49 -10.52
C LYS A 173 -11.86 6.74 -11.34
N GLY A 174 -10.71 7.35 -11.06
CA GLY A 174 -10.20 8.45 -11.89
C GLY A 174 -9.65 7.91 -13.21
N LYS A 175 -8.74 8.65 -13.81
CA LYS A 175 -8.29 8.30 -15.16
C LYS A 175 -6.95 7.57 -15.20
N GLY A 176 -6.03 7.92 -14.30
CA GLY A 176 -4.70 7.32 -14.32
C GLY A 176 -4.04 7.06 -12.98
N VAL A 177 -2.72 6.99 -13.01
CA VAL A 177 -1.91 6.73 -11.82
C VAL A 177 -0.75 7.72 -11.85
N THR A 178 -0.19 7.99 -10.69
CA THR A 178 0.89 8.96 -10.60
C THR A 178 1.83 8.57 -9.46
N SER A 179 2.97 9.25 -9.39
CA SER A 179 3.99 8.95 -8.41
C SER A 179 4.59 10.28 -7.99
N LEU A 180 5.34 10.27 -6.89
CA LEU A 180 6.04 11.48 -6.45
C LEU A 180 7.02 11.93 -7.53
N GLU A 181 7.73 10.96 -8.12
CA GLU A 181 8.65 11.20 -9.23
C GLU A 181 8.00 11.93 -10.42
N LYS A 182 6.86 11.43 -10.86
CA LYS A 182 6.14 12.02 -12.00
C LYS A 182 5.68 13.43 -11.68
N LEU A 183 5.16 13.62 -10.46
CA LEU A 183 4.64 14.91 -10.04
C LEU A 183 5.75 15.95 -9.84
N LEU A 184 6.91 15.50 -9.36
CA LEU A 184 8.03 16.42 -9.07
C LEU A 184 9.07 16.49 -10.20
N GLY A 185 8.99 15.57 -11.16
CA GLY A 185 9.89 15.57 -12.34
C GLY A 185 11.31 15.06 -12.06
N ARG A 186 11.43 14.23 -11.02
CA ARG A 186 12.71 13.73 -10.54
C ARG A 186 12.44 12.67 -9.49
N LYS A 187 13.36 11.72 -9.37
CA LYS A 187 13.28 10.67 -8.35
C LYS A 187 13.40 11.24 -6.93
N VAL A 188 12.70 10.61 -6.00
CA VAL A 188 12.67 10.97 -4.57
C VAL A 188 13.34 9.80 -3.84
N PRO A 189 14.31 10.08 -2.93
CA PRO A 189 14.98 8.92 -2.31
C PRO A 189 14.01 8.11 -1.46
N MET A 190 13.99 6.79 -1.66
CA MET A 190 13.12 5.89 -0.90
C MET A 190 13.27 6.02 0.64
N GLU A 191 14.51 6.21 1.11
CA GLU A 191 14.79 6.36 2.54
C GLU A 191 14.06 7.57 3.10
N GLU A 192 13.97 8.63 2.28
CA GLU A 192 13.25 9.82 2.64
C GLU A 192 11.72 9.64 2.69
N ALA A 193 11.15 9.01 1.65
CA ALA A 193 9.71 8.72 1.67
C ALA A 193 9.37 7.88 2.89
N LYS A 194 10.20 6.88 3.21
CA LYS A 194 9.96 6.05 4.40
C LYS A 194 9.92 6.90 5.67
N ALA A 195 10.91 7.78 5.85
CA ALA A 195 10.97 8.66 7.01
C ALA A 195 9.70 9.52 7.12
N ARG A 196 9.24 10.05 6.00
CA ARG A 196 8.09 10.93 6.01
C ARG A 196 6.82 10.19 6.31
N VAL A 197 6.73 8.95 5.82
CA VAL A 197 5.58 8.10 6.12
C VAL A 197 5.54 7.83 7.61
N VAL A 198 6.69 7.43 8.18
CA VAL A 198 6.77 7.19 9.62
C VAL A 198 6.29 8.41 10.40
N ALA A 199 6.81 9.58 10.06
CA ALA A 199 6.45 10.81 10.73
C ALA A 199 4.96 11.06 10.63
N ALA A 200 4.40 10.85 9.44
CA ALA A 200 2.96 11.03 9.22
C ALA A 200 2.12 10.05 10.04
N PHE A 201 2.49 8.77 10.05
CA PHE A 201 1.78 7.81 10.92
C PHE A 201 1.83 8.20 12.39
N ALA A 202 3.00 8.62 12.84
CA ALA A 202 3.19 9.01 14.25
C ALA A 202 2.20 10.12 14.62
N GLU A 203 2.06 11.10 13.74
CA GLU A 203 1.17 12.24 13.92
C GLU A 203 -0.30 11.84 13.92
N VAL A 204 -0.73 11.11 12.88
CA VAL A 204 -2.14 10.73 12.71
C VAL A 204 -2.65 9.82 13.82
N PHE A 205 -1.84 8.81 14.17
CA PHE A 205 -2.25 7.83 15.18
C PHE A 205 -1.93 8.31 16.60
N GLY A 206 -1.06 9.30 16.71
CA GLY A 206 -0.64 9.82 18.01
C GLY A 206 0.16 8.78 18.78
N LEU A 207 1.13 8.17 18.09
CA LEU A 207 2.00 7.20 18.73
C LEU A 207 3.46 7.57 18.44
N ARG A 208 4.36 7.23 19.36
CA ARG A 208 5.77 7.48 19.12
C ARG A 208 6.41 6.30 18.39
N PRO A 209 7.20 6.58 17.34
CA PRO A 209 7.78 5.45 16.62
C PRO A 209 9.01 4.91 17.33
N VAL A 210 9.13 3.59 17.40
CA VAL A 210 10.36 2.94 17.84
C VAL A 210 11.00 2.07 16.74
#